data_5YDW
#
_entry.id   5YDW
#
_cell.length_a   87.606
_cell.length_b   114.556
_cell.length_c   128.117
_cell.angle_alpha   90.00
_cell.angle_beta   90.00
_cell.angle_gamma   90.00
#
_symmetry.space_group_name_H-M   'C 2 2 21'
#
_entity_poly.entity_id   1
_entity_poly.type   'polypeptide(L)'
_entity_poly.pdbx_seq_one_letter_code
;GAMDVTGAGLHNIETKWLYDFLTLEKCRNFSQAAIIRNVSQPAFSRRIRALEHAVGVELFNRQVSPLQLSEQGKIFHSQV
RHLLQQLESNLTELRGGSDYTLRKIKIAAAHSLSLGLLPTIVKQMPTQFTYAVEAIDVDQAVDMLREGQSDFIFSYHDEN
LQQAPFDNIRLFESRLFPVCANNGRGEPRYTLEQPHFPLLNYSQNSYMGRLINRTLTRHAELSFSTFFVSSMSELLKQVA
MDGCGIAWLPEYAIRQEITDGRLIVLDADELVIPIQAYAYRMNTRMSQVAETFWRDLRGLQAAL
;
_entity_poly.pdbx_strand_id   A,B
#
# COMPACT_ATOMS: atom_id res chain seq x y z
N LEU A 10 -16.72 1.23 -43.36
CA LEU A 10 -15.34 0.84 -43.08
C LEU A 10 -14.45 2.06 -42.90
N HIS A 11 -13.26 1.85 -42.35
CA HIS A 11 -12.29 2.92 -42.12
C HIS A 11 -10.90 2.39 -42.41
N ASN A 12 -9.93 3.31 -42.50
CA ASN A 12 -8.56 2.99 -42.85
C ASN A 12 -7.56 3.65 -41.91
N ILE A 13 -7.94 3.81 -40.63
CA ILE A 13 -7.07 4.49 -39.68
C ILE A 13 -5.80 3.68 -39.46
N GLU A 14 -4.67 4.38 -39.30
CA GLU A 14 -3.38 3.74 -39.07
C GLU A 14 -2.70 4.38 -37.87
N THR A 15 -1.91 3.58 -37.15
CA THR A 15 -1.23 4.08 -35.95
C THR A 15 -0.16 5.11 -36.29
N LYS A 16 0.42 5.02 -37.49
CA LYS A 16 1.38 6.03 -37.94
C LYS A 16 0.81 7.44 -37.78
N TRP A 17 -0.41 7.65 -38.24
CA TRP A 17 -1.02 8.98 -38.20
C TRP A 17 -1.34 9.40 -36.77
N LEU A 18 -1.63 8.44 -35.89
CA LEU A 18 -1.96 8.79 -34.52
C LEU A 18 -0.76 9.37 -33.78
N TYR A 19 0.42 8.75 -33.96
CA TYR A 19 1.63 9.29 -33.35
C TYR A 19 2.01 10.61 -34.00
N ASP A 20 1.79 10.75 -35.31
CA ASP A 20 2.05 12.03 -35.97
C ASP A 20 1.05 13.09 -35.56
N PHE A 21 -0.18 12.68 -35.21
CA PHE A 21 -1.17 13.64 -34.73
C PHE A 21 -0.78 14.20 -33.38
N LEU A 22 -0.32 13.34 -32.47
CA LEU A 22 0.12 13.81 -31.16
C LEU A 22 1.39 14.65 -31.28
N THR A 23 2.28 14.27 -32.18
CA THR A 23 3.50 15.06 -32.38
C THR A 23 3.17 16.43 -32.98
N LEU A 24 2.08 16.52 -33.73
CA LEU A 24 1.65 17.79 -34.29
C LEU A 24 0.90 18.64 -33.29
N GLU A 25 0.30 18.03 -32.27
CA GLU A 25 -0.36 18.82 -31.23
C GLU A 25 0.66 19.58 -30.40
N LYS A 26 1.73 18.91 -29.98
CA LYS A 26 2.70 19.53 -29.08
C LYS A 26 3.47 20.66 -29.74
N CYS A 27 3.74 20.55 -31.05
CA CYS A 27 4.54 21.54 -31.76
C CYS A 27 3.74 22.51 -32.62
N ARG A 28 2.51 22.14 -33.02
CA ARG A 28 1.60 23.04 -33.73
C ARG A 28 2.22 23.61 -35.00
N ASN A 29 3.00 22.81 -35.69
CA ASN A 29 3.63 23.23 -36.93
C ASN A 29 3.92 22.00 -37.77
N PHE A 30 3.54 22.05 -39.05
CA PHE A 30 3.72 20.90 -39.93
C PHE A 30 5.20 20.58 -40.11
N SER A 31 5.94 21.50 -40.73
CA SER A 31 7.35 21.24 -41.05
C SER A 31 8.21 21.10 -39.79
N GLN A 32 7.84 21.79 -38.71
CA GLN A 32 8.64 21.73 -37.49
C GLN A 32 8.50 20.38 -36.79
N ALA A 33 7.31 19.78 -36.84
CA ALA A 33 7.09 18.49 -36.19
C ALA A 33 7.17 17.31 -37.14
N ALA A 34 7.03 17.54 -38.45
CA ALA A 34 7.30 16.47 -39.41
C ALA A 34 8.76 16.03 -39.34
N ILE A 35 9.66 16.96 -39.04
CA ILE A 35 11.06 16.61 -38.87
C ILE A 35 11.25 15.74 -37.63
N ILE A 36 10.45 15.96 -36.59
CA ILE A 36 10.54 15.16 -35.38
C ILE A 36 10.25 13.68 -35.70
N ARG A 37 9.32 13.44 -36.61
CA ARG A 37 8.97 12.09 -37.02
C ARG A 37 9.88 11.55 -38.12
N ASN A 38 10.93 12.30 -38.48
CA ASN A 38 11.96 11.84 -39.42
C ASN A 38 11.37 11.52 -40.79
N VAL A 39 10.37 12.29 -41.20
CA VAL A 39 9.74 12.12 -42.50
C VAL A 39 9.67 13.47 -43.18
N SER A 40 9.50 13.44 -44.50
CA SER A 40 9.39 14.65 -45.29
C SER A 40 8.08 15.37 -45.00
N GLN A 41 8.07 16.68 -45.24
CA GLN A 41 6.87 17.48 -45.02
C GLN A 41 5.70 17.05 -45.92
N PRO A 42 5.88 16.81 -47.22
CA PRO A 42 4.72 16.40 -48.03
C PRO A 42 4.12 15.07 -47.61
N ALA A 43 4.96 14.05 -47.40
CA ALA A 43 4.44 12.77 -46.94
C ALA A 43 3.80 12.87 -45.57
N PHE A 44 4.32 13.75 -44.71
CA PHE A 44 3.73 13.95 -43.40
C PHE A 44 2.36 14.62 -43.50
N SER A 45 2.24 15.62 -44.38
CA SER A 45 0.95 16.28 -44.58
C SER A 45 -0.08 15.30 -45.14
N ARG A 46 0.37 14.38 -46.00
CA ARG A 46 -0.54 13.35 -46.52
C ARG A 46 -0.98 12.39 -45.43
N ARG A 47 -0.11 12.13 -44.44
CA ARG A 47 -0.53 11.33 -43.30
C ARG A 47 -1.67 12.01 -42.54
N ILE A 48 -1.48 13.29 -42.19
CA ILE A 48 -2.53 14.04 -41.51
C ILE A 48 -3.73 14.21 -42.43
N ARG A 49 -3.50 14.37 -43.73
CA ARG A 49 -4.59 14.48 -44.70
C ARG A 49 -5.49 13.25 -44.65
N ALA A 50 -4.88 12.06 -44.64
CA ALA A 50 -5.67 10.83 -44.59
C ALA A 50 -6.33 10.65 -43.22
N LEU A 51 -5.63 11.04 -42.15
CA LEU A 51 -6.22 10.94 -40.82
C LEU A 51 -7.40 11.88 -40.66
N GLU A 52 -7.31 13.09 -41.22
CA GLU A 52 -8.46 13.98 -41.27
C GLU A 52 -9.61 13.34 -42.04
N HIS A 53 -9.28 12.54 -43.06
CA HIS A 53 -10.30 11.94 -43.89
C HIS A 53 -10.89 10.67 -43.27
N ALA A 54 -10.05 9.86 -42.64
CA ALA A 54 -10.50 8.56 -42.12
C ALA A 54 -11.60 8.74 -41.09
N VAL A 55 -11.42 9.69 -40.17
CA VAL A 55 -12.44 9.93 -39.14
C VAL A 55 -13.61 10.75 -39.67
N GLY A 56 -13.49 11.33 -40.86
CA GLY A 56 -14.58 12.09 -41.45
C GLY A 56 -14.75 13.48 -40.91
N VAL A 57 -13.88 13.95 -40.02
CA VAL A 57 -13.97 15.27 -39.44
C VAL A 57 -12.65 16.00 -39.66
N GLU A 58 -12.73 17.32 -39.83
CA GLU A 58 -11.54 18.14 -39.91
C GLU A 58 -10.86 18.20 -38.54
N LEU A 59 -9.66 17.65 -38.44
CA LEU A 59 -8.91 17.68 -37.19
C LEU A 59 -8.36 19.06 -36.91
N PHE A 60 -7.29 19.44 -37.60
CA PHE A 60 -6.71 20.76 -37.45
C PHE A 60 -7.52 21.81 -38.22
N ASN A 61 -7.49 23.04 -37.72
CA ASN A 61 -7.86 24.22 -38.50
C ASN A 61 -6.56 24.79 -39.07
N ARG A 62 -6.45 24.80 -40.39
CA ARG A 62 -5.14 24.94 -41.02
C ARG A 62 -4.57 26.34 -40.88
N GLN A 63 -5.41 27.37 -40.92
CA GLN A 63 -4.93 28.75 -41.02
C GLN A 63 -5.23 29.54 -39.76
N VAL A 64 -4.26 29.60 -38.85
CA VAL A 64 -4.17 30.62 -37.81
C VAL A 64 -2.69 30.83 -37.45
N LEU A 67 -1.48 27.84 -35.17
CA LEU A 67 -2.18 26.68 -35.73
C LEU A 67 -2.72 25.78 -34.63
N GLN A 68 -4.01 25.45 -34.70
CA GLN A 68 -4.58 24.51 -33.74
C GLN A 68 -5.83 23.84 -34.30
N LEU A 69 -6.13 22.69 -33.71
CA LEU A 69 -7.33 21.91 -33.96
C LEU A 69 -8.59 22.70 -33.58
N SER A 70 -9.74 22.18 -34.05
CA SER A 70 -11.06 22.65 -33.67
C SER A 70 -11.60 21.81 -32.52
N GLU A 71 -12.82 22.12 -32.10
CA GLU A 71 -13.43 21.43 -30.95
C GLU A 71 -13.50 19.93 -31.17
N GLN A 72 -13.87 19.50 -32.38
CA GLN A 72 -13.89 18.08 -32.69
C GLN A 72 -12.51 17.47 -32.64
N GLY A 73 -11.47 18.26 -32.91
CA GLY A 73 -10.11 17.75 -32.77
C GLY A 73 -9.68 17.62 -31.33
N LYS A 74 -10.26 18.44 -30.44
CA LYS A 74 -9.91 18.38 -29.03
C LYS A 74 -10.48 17.13 -28.37
N ILE A 75 -11.67 16.71 -28.81
CA ILE A 75 -12.23 15.46 -28.32
C ILE A 75 -11.43 14.28 -28.84
N PHE A 76 -10.91 14.39 -30.07
CA PHE A 76 -10.12 13.31 -30.64
C PHE A 76 -8.77 13.18 -29.95
N HIS A 77 -8.24 14.27 -29.39
CA HIS A 77 -6.94 14.21 -28.73
C HIS A 77 -7.00 13.32 -27.48
N SER A 78 -7.90 13.63 -26.55
CA SER A 78 -8.03 12.84 -25.34
C SER A 78 -8.38 11.39 -25.66
N GLN A 79 -8.99 11.15 -26.82
CA GLN A 79 -9.31 9.78 -27.21
C GLN A 79 -8.10 9.07 -27.82
N VAL A 80 -7.30 9.78 -28.61
CA VAL A 80 -6.08 9.20 -29.14
C VAL A 80 -5.10 8.88 -28.02
N ARG A 81 -4.98 9.79 -27.05
CA ARG A 81 -4.06 9.58 -25.93
C ARG A 81 -4.39 8.30 -25.18
N HIS A 82 -5.62 8.17 -24.69
CA HIS A 82 -5.97 7.01 -23.89
C HIS A 82 -6.03 5.73 -24.73
N LEU A 83 -6.36 5.84 -26.01
CA LEU A 83 -6.32 4.68 -26.89
C LEU A 83 -4.90 4.13 -26.99
N LEU A 84 -3.94 4.99 -27.34
CA LEU A 84 -2.56 4.55 -27.44
C LEU A 84 -2.03 4.12 -26.08
N GLN A 85 -2.35 4.87 -25.02
CA GLN A 85 -1.95 4.45 -23.69
C GLN A 85 -2.55 3.09 -23.34
N GLN A 86 -3.81 2.85 -23.71
CA GLN A 86 -4.39 1.52 -23.56
C GLN A 86 -3.68 0.54 -24.48
N LEU A 87 -3.60 0.86 -25.77
CA LEU A 87 -2.98 -0.02 -26.76
C LEU A 87 -1.62 -0.51 -26.30
N GLU A 88 -0.80 0.38 -25.74
CA GLU A 88 0.52 -0.03 -25.25
C GLU A 88 0.40 -0.84 -23.97
N SER A 89 -0.35 -0.34 -22.99
CA SER A 89 -0.52 -1.06 -21.73
C SER A 89 -1.17 -2.43 -21.96
N ASN A 90 -1.92 -2.58 -23.05
CA ASN A 90 -2.58 -3.84 -23.36
C ASN A 90 -1.83 -4.67 -24.38
N LEU A 91 -0.91 -4.06 -25.13
CA LEU A 91 -0.08 -4.84 -26.05
C LEU A 91 0.86 -5.76 -25.28
N THR A 92 1.39 -5.28 -24.14
CA THR A 92 2.28 -6.08 -23.32
C THR A 92 1.54 -7.01 -22.37
N GLU A 93 0.21 -6.99 -22.36
CA GLU A 93 -0.53 -7.98 -21.59
C GLU A 93 -0.37 -9.36 -22.21
N LEU A 94 -0.33 -9.44 -23.53
CA LEU A 94 -0.08 -10.70 -24.22
C LEU A 94 1.38 -10.90 -24.56
N ARG A 95 2.12 -9.81 -24.80
CA ARG A 95 3.58 -9.93 -24.97
C ARG A 95 4.22 -10.40 -23.68
N GLY A 96 4.11 -9.60 -22.62
CA GLY A 96 4.62 -9.98 -21.32
C GLY A 96 3.65 -10.85 -20.55
N GLY A 97 4.10 -12.04 -20.17
CA GLY A 97 3.24 -12.96 -19.45
C GLY A 97 2.81 -14.13 -20.31
N SER A 98 2.45 -13.83 -21.55
CA SER A 98 2.10 -14.84 -22.56
C SER A 98 0.94 -15.67 -22.01
N ASP A 99 1.02 -17.00 -22.02
CA ASP A 99 -0.01 -17.84 -21.43
C ASP A 99 0.16 -18.00 -19.93
N TYR A 100 1.35 -17.69 -19.40
CA TYR A 100 1.70 -18.14 -18.06
C TYR A 100 1.10 -17.27 -16.96
N THR A 101 1.06 -15.95 -17.17
CA THR A 101 0.62 -15.03 -16.13
C THR A 101 -0.90 -14.86 -16.08
N LEU A 102 -1.63 -15.45 -17.02
CA LEU A 102 -3.09 -15.33 -17.01
C LEU A 102 -3.74 -16.21 -15.96
N ARG A 103 -2.95 -16.91 -15.14
CA ARG A 103 -3.41 -17.68 -14.00
C ARG A 103 -2.62 -17.30 -12.76
N LYS A 104 -2.43 -16.00 -12.56
CA LYS A 104 -1.53 -15.51 -11.52
C LYS A 104 -2.19 -15.59 -10.15
N ILE A 105 -1.38 -15.94 -9.15
CA ILE A 105 -1.84 -16.09 -7.78
C ILE A 105 -2.20 -14.73 -7.21
N LYS A 106 -3.50 -14.43 -7.14
CA LYS A 106 -3.97 -13.18 -6.57
C LYS A 106 -3.79 -13.22 -5.06
N ILE A 107 -2.89 -12.38 -4.55
CA ILE A 107 -2.52 -12.39 -3.14
C ILE A 107 -2.85 -11.03 -2.54
N ALA A 108 -3.68 -11.02 -1.51
CA ALA A 108 -3.92 -9.84 -0.71
C ALA A 108 -3.12 -9.97 0.58
N ALA A 109 -2.36 -8.92 0.91
CA ALA A 109 -1.52 -8.94 2.10
C ALA A 109 -1.74 -7.64 2.87
N ALA A 110 -1.87 -7.78 4.19
CA ALA A 110 -2.07 -6.61 5.04
C ALA A 110 -0.86 -5.69 4.94
N HIS A 111 -1.11 -4.37 5.03
CA HIS A 111 -0.04 -3.38 4.96
C HIS A 111 1.05 -3.63 5.99
N SER A 112 0.74 -4.35 7.07
CA SER A 112 1.72 -4.58 8.13
C SER A 112 2.70 -5.69 7.79
N LEU A 113 2.27 -6.72 7.06
CA LEU A 113 3.13 -7.84 6.74
C LEU A 113 3.39 -8.00 5.24
N SER A 114 2.80 -7.16 4.40
CA SER A 114 2.91 -7.34 2.95
C SER A 114 4.37 -7.35 2.50
N LEU A 115 5.13 -6.33 2.91
CA LEU A 115 6.54 -6.26 2.51
C LEU A 115 7.37 -7.32 3.21
N GLY A 116 6.95 -7.74 4.40
CA GLY A 116 7.77 -8.67 5.17
C GLY A 116 7.72 -10.08 4.63
N LEU A 117 6.52 -10.61 4.40
CA LEU A 117 6.37 -12.03 4.10
C LEU A 117 6.35 -12.35 2.61
N LEU A 118 5.85 -11.44 1.77
CA LEU A 118 5.74 -11.75 0.35
C LEU A 118 7.09 -12.00 -0.31
N PRO A 119 8.11 -11.14 -0.14
CA PRO A 119 9.44 -11.53 -0.64
C PRO A 119 9.92 -12.86 -0.09
N THR A 120 9.66 -13.13 1.20
CA THR A 120 10.08 -14.40 1.77
C THR A 120 9.28 -15.56 1.18
N ILE A 121 7.98 -15.37 0.96
CA ILE A 121 7.15 -16.42 0.39
C ILE A 121 7.50 -16.65 -1.08
N VAL A 122 7.54 -15.56 -1.87
CA VAL A 122 7.81 -15.68 -3.30
C VAL A 122 9.21 -16.24 -3.56
N LYS A 123 10.16 -15.93 -2.69
CA LYS A 123 11.52 -16.44 -2.86
C LYS A 123 11.56 -17.96 -2.79
N GLN A 124 11.05 -18.52 -1.70
CA GLN A 124 11.09 -19.96 -1.47
C GLN A 124 9.86 -20.65 -2.06
N MET A 125 9.65 -20.40 -3.35
CA MET A 125 8.49 -20.94 -4.06
C MET A 125 8.90 -21.17 -5.51
N PRO A 126 8.49 -22.30 -6.11
CA PRO A 126 8.95 -22.62 -7.47
C PRO A 126 8.63 -21.53 -8.48
N THR A 127 9.40 -21.54 -9.57
CA THR A 127 9.34 -20.49 -10.59
C THR A 127 8.35 -20.78 -11.70
N GLN A 128 7.53 -21.84 -11.56
CA GLN A 128 6.41 -22.06 -12.48
C GLN A 128 5.17 -21.29 -12.06
N PHE A 129 5.35 -20.09 -11.50
CA PHE A 129 4.25 -19.35 -10.91
C PHE A 129 4.31 -17.90 -11.34
N THR A 130 3.17 -17.22 -11.18
CA THR A 130 3.07 -15.78 -11.40
C THR A 130 2.22 -15.18 -10.28
N TYR A 131 2.62 -14.01 -9.80
CA TYR A 131 2.02 -13.41 -8.62
C TYR A 131 1.49 -12.02 -8.94
N ALA A 132 0.24 -11.76 -8.56
CA ALA A 132 -0.36 -10.43 -8.62
C ALA A 132 -0.78 -10.08 -7.20
N VAL A 133 0.00 -9.21 -6.55
CA VAL A 133 -0.15 -8.94 -5.12
C VAL A 133 -0.89 -7.62 -4.92
N GLU A 134 -1.84 -7.64 -3.99
CA GLU A 134 -2.59 -6.46 -3.60
C GLU A 134 -2.31 -6.15 -2.13
N ALA A 135 -2.27 -4.86 -1.80
CA ALA A 135 -2.04 -4.39 -0.44
C ALA A 135 -3.35 -3.84 0.12
N ILE A 136 -3.82 -4.42 1.22
CA ILE A 136 -5.15 -4.14 1.75
C ILE A 136 -5.05 -3.89 3.25
N ASP A 137 -6.19 -3.51 3.82
CA ASP A 137 -6.39 -3.42 5.26
C ASP A 137 -7.11 -4.67 5.75
N VAL A 138 -7.05 -4.88 7.07
CA VAL A 138 -7.59 -6.10 7.66
C VAL A 138 -9.11 -6.13 7.62
N ASP A 139 -9.75 -4.97 7.44
CA ASP A 139 -11.22 -4.95 7.38
C ASP A 139 -11.72 -5.60 6.10
N GLN A 140 -11.19 -5.19 4.95
CA GLN A 140 -11.56 -5.77 3.67
C GLN A 140 -10.95 -7.15 3.44
N ALA A 141 -10.43 -7.78 4.48
CA ALA A 141 -9.82 -9.10 4.32
C ALA A 141 -10.88 -10.18 4.14
N VAL A 142 -11.96 -10.12 4.92
CA VAL A 142 -12.99 -11.15 4.84
C VAL A 142 -13.78 -11.01 3.53
N ASP A 143 -13.97 -9.79 3.04
CA ASP A 143 -14.79 -9.59 1.85
C ASP A 143 -14.08 -10.08 0.60
N MET A 144 -12.75 -9.91 0.52
CA MET A 144 -12.02 -10.22 -0.70
C MET A 144 -11.99 -11.71 -0.98
N LEU A 145 -12.01 -12.55 0.06
CA LEU A 145 -11.95 -13.99 -0.16
C LEU A 145 -13.26 -14.51 -0.75
N ARG A 146 -14.38 -14.17 -0.11
CA ARG A 146 -15.68 -14.60 -0.62
C ARG A 146 -15.96 -14.00 -1.99
N GLU A 147 -15.69 -12.70 -2.15
CA GLU A 147 -15.87 -12.01 -3.42
C GLU A 147 -14.64 -12.10 -4.31
N GLY A 148 -13.85 -13.16 -4.17
CA GLY A 148 -12.81 -13.56 -5.11
C GLY A 148 -11.92 -12.53 -5.75
N GLN A 149 -11.76 -11.35 -5.13
CA GLN A 149 -10.79 -10.40 -5.66
C GLN A 149 -9.37 -10.90 -5.49
N SER A 150 -9.10 -11.61 -4.40
CA SER A 150 -7.80 -12.23 -4.17
C SER A 150 -8.00 -13.73 -3.97
N ASP A 151 -7.22 -14.52 -4.69
CA ASP A 151 -7.30 -15.98 -4.55
C ASP A 151 -6.94 -16.40 -3.12
N PHE A 152 -5.83 -15.89 -2.61
CA PHE A 152 -5.41 -16.16 -1.24
C PHE A 152 -5.20 -14.86 -0.49
N ILE A 153 -4.69 -14.94 0.74
CA ILE A 153 -4.50 -13.76 1.56
C ILE A 153 -3.56 -14.11 2.70
N PHE A 154 -2.67 -13.18 3.04
CA PHE A 154 -1.72 -13.34 4.14
C PHE A 154 -2.02 -12.26 5.17
N SER A 155 -2.85 -12.60 6.15
CA SER A 155 -3.19 -11.67 7.23
C SER A 155 -2.95 -12.30 8.59
N TYR A 156 -3.49 -11.72 9.64
CA TYR A 156 -3.25 -12.18 10.99
C TYR A 156 -4.47 -12.94 11.52
N HIS A 157 -4.61 -13.00 12.85
CA HIS A 157 -5.70 -13.74 13.47
C HIS A 157 -7.03 -13.06 13.22
N ASP A 158 -8.06 -13.87 13.00
CA ASP A 158 -9.43 -13.39 12.84
C ASP A 158 -10.40 -14.55 12.94
N GLU A 159 -10.98 -14.76 14.12
CA GLU A 159 -11.91 -15.86 14.33
C GLU A 159 -13.16 -15.77 13.47
N ASN A 160 -13.38 -14.64 12.81
CA ASN A 160 -14.50 -14.54 11.87
C ASN A 160 -14.30 -15.48 10.69
N LEU A 161 -13.16 -15.39 10.03
CA LEU A 161 -12.85 -16.22 8.87
C LEU A 161 -11.96 -17.40 9.20
N GLN A 162 -11.62 -17.61 10.48
CA GLN A 162 -10.91 -18.82 10.88
C GLN A 162 -11.86 -19.96 11.20
N GLN A 163 -13.17 -19.74 11.05
CA GLN A 163 -14.17 -20.75 11.39
C GLN A 163 -14.37 -21.72 10.25
N ALA A 164 -15.57 -22.30 10.17
CA ALA A 164 -15.86 -23.27 9.12
C ALA A 164 -15.77 -22.73 7.70
N PRO A 165 -16.21 -21.47 7.39
CA PRO A 165 -16.23 -21.04 5.99
C PRO A 165 -14.90 -21.03 5.24
N PHE A 166 -13.78 -21.33 5.91
CA PHE A 166 -12.49 -21.11 5.26
C PHE A 166 -11.49 -22.21 5.58
N ASP A 167 -10.50 -22.33 4.71
CA ASP A 167 -9.30 -23.14 4.90
C ASP A 167 -8.14 -22.23 5.26
N ASN A 168 -7.24 -22.73 6.10
CA ASN A 168 -6.19 -21.86 6.62
C ASN A 168 -4.91 -22.64 6.90
N ILE A 169 -3.79 -21.93 6.83
CA ILE A 169 -2.48 -22.45 7.21
C ILE A 169 -1.76 -21.36 8.00
N ARG A 170 -1.42 -21.66 9.26
CA ARG A 170 -0.67 -20.71 10.07
C ARG A 170 0.80 -20.74 9.67
N LEU A 171 1.35 -19.58 9.34
CA LEU A 171 2.74 -19.50 8.91
C LEU A 171 3.67 -19.43 10.11
N PHE A 172 3.78 -18.24 10.70
CA PHE A 172 4.74 -17.99 11.77
C PHE A 172 4.08 -17.17 12.87
N GLU A 173 4.77 -17.08 14.00
CA GLU A 173 4.33 -16.31 15.14
C GLU A 173 5.40 -15.29 15.52
N SER A 174 4.98 -14.23 16.20
CA SER A 174 5.90 -13.18 16.59
C SER A 174 5.29 -12.40 17.76
N ARG A 175 6.10 -11.54 18.35
CA ARG A 175 5.68 -10.72 19.48
C ARG A 175 5.93 -9.25 19.16
N LEU A 176 5.23 -8.38 19.88
CA LEU A 176 5.36 -6.93 19.71
C LEU A 176 6.08 -6.37 20.94
N PHE A 177 7.33 -5.93 20.75
CA PHE A 177 8.11 -5.33 21.82
C PHE A 177 8.04 -3.82 21.74
N PRO A 178 7.80 -3.13 22.86
CA PRO A 178 7.91 -1.66 22.84
C PRO A 178 9.37 -1.25 22.77
N VAL A 179 9.81 -0.73 21.62
CA VAL A 179 11.21 -0.42 21.40
C VAL A 179 11.37 1.06 21.08
N CYS A 180 12.57 1.56 21.34
CA CYS A 180 12.93 2.93 21.02
C CYS A 180 14.45 2.99 20.82
N ALA A 181 14.92 4.15 20.38
CA ALA A 181 16.35 4.32 20.15
C ALA A 181 17.10 4.36 21.48
N ASN A 182 18.42 4.29 21.39
CA ASN A 182 19.29 4.41 22.55
C ASN A 182 19.81 5.84 22.68
N ASN A 183 20.02 6.26 23.93
CA ASN A 183 20.51 7.62 24.16
C ASN A 183 21.91 7.81 23.60
N GLY A 184 22.70 6.74 23.53
CA GLY A 184 24.07 6.84 23.07
C GLY A 184 25.02 6.08 23.97
N ARG A 185 24.50 5.57 25.08
CA ARG A 185 25.31 4.82 26.05
C ARG A 185 24.98 3.34 26.09
N GLY A 186 23.75 2.96 25.77
CA GLY A 186 23.33 1.57 25.86
C GLY A 186 22.01 1.43 26.58
N GLU A 187 21.55 2.52 27.18
CA GLU A 187 20.26 2.62 27.83
C GLU A 187 19.25 3.30 26.92
N PRO A 188 17.95 3.05 27.11
CA PRO A 188 16.96 3.60 26.18
C PRO A 188 16.90 5.12 26.22
N ARG A 189 16.46 5.70 25.10
CA ARG A 189 16.31 7.14 25.02
C ARG A 189 15.09 7.61 25.81
N TYR A 190 14.08 6.77 25.96
CA TYR A 190 12.87 7.08 26.70
C TYR A 190 12.56 5.95 27.67
N THR A 191 11.66 6.24 28.60
CA THR A 191 11.17 5.24 29.54
C THR A 191 9.65 5.19 29.49
N LEU A 192 9.11 3.99 29.68
CA LEU A 192 7.66 3.82 29.69
C LEU A 192 7.01 4.50 30.90
N GLU A 193 7.80 4.83 31.93
CA GLU A 193 7.24 5.44 33.13
C GLU A 193 6.95 6.92 32.93
N GLN A 194 7.79 7.62 32.17
CA GLN A 194 7.65 9.06 32.03
C GLN A 194 6.33 9.41 31.36
N PRO A 195 5.58 10.37 31.87
CA PRO A 195 4.24 10.64 31.32
C PRO A 195 4.31 11.36 29.99
N HIS A 196 3.29 11.13 29.17
CA HIS A 196 3.15 11.78 27.85
C HIS A 196 4.39 11.56 26.99
N PHE A 197 4.90 10.33 27.03
CA PHE A 197 6.07 9.99 26.23
C PHE A 197 5.70 9.97 24.74
N PRO A 198 6.65 10.30 23.86
CA PRO A 198 6.37 10.25 22.42
C PRO A 198 5.99 8.84 21.98
N LEU A 199 4.75 8.71 21.51
CA LEU A 199 4.20 7.44 21.08
C LEU A 199 4.13 7.40 19.56
N LEU A 200 4.66 6.32 18.98
CA LEU A 200 4.60 6.09 17.53
C LEU A 200 3.71 4.87 17.31
N ASN A 201 2.51 5.11 16.81
CA ASN A 201 1.51 4.06 16.66
C ASN A 201 1.27 3.75 15.19
N TYR A 202 0.73 2.56 14.93
CA TYR A 202 0.26 2.22 13.60
C TYR A 202 -1.06 2.94 13.31
N SER A 203 -1.50 2.87 12.05
CA SER A 203 -2.76 3.47 11.68
C SER A 203 -3.91 2.78 12.41
N GLN A 204 -5.00 3.53 12.61
CA GLN A 204 -6.15 2.99 13.33
C GLN A 204 -6.84 1.86 12.57
N ASN A 205 -6.48 1.63 11.31
CA ASN A 205 -7.08 0.56 10.52
C ASN A 205 -6.22 -0.69 10.43
N SER A 206 -4.94 -0.62 10.79
CA SER A 206 -4.08 -1.79 10.72
C SER A 206 -4.41 -2.75 11.86
N TYR A 207 -3.89 -3.98 11.74
CA TYR A 207 -4.12 -4.97 12.77
C TYR A 207 -3.26 -4.72 14.00
N MET A 208 -2.01 -4.26 13.80
CA MET A 208 -1.20 -3.88 14.94
C MET A 208 -1.81 -2.73 15.71
N GLY A 209 -2.60 -1.90 15.03
CA GLY A 209 -3.23 -0.77 15.72
C GLY A 209 -4.22 -1.22 16.78
N ARG A 210 -5.05 -2.21 16.48
CA ARG A 210 -6.03 -2.66 17.45
C ARG A 210 -5.36 -3.27 18.68
N LEU A 211 -4.27 -4.00 18.47
CA LEU A 211 -3.59 -4.64 19.60
C LEU A 211 -2.85 -3.62 20.46
N ILE A 212 -2.19 -2.65 19.82
CA ILE A 212 -1.46 -1.63 20.56
C ILE A 212 -2.41 -0.88 21.49
N ASN A 213 -3.60 -0.53 21.01
CA ASN A 213 -4.55 0.19 21.83
C ASN A 213 -5.16 -0.70 22.91
N ARG A 214 -5.34 -2.00 22.62
CA ARG A 214 -5.81 -2.92 23.64
C ARG A 214 -4.83 -3.02 24.80
N THR A 215 -3.53 -3.04 24.50
CA THR A 215 -2.52 -3.20 25.53
C THR A 215 -2.23 -1.87 26.24
N LEU A 216 -2.25 -0.76 25.50
CA LEU A 216 -2.07 0.55 26.11
C LEU A 216 -3.17 0.82 27.13
N THR A 217 -4.42 0.56 26.76
CA THR A 217 -5.54 0.86 27.64
C THR A 217 -5.61 -0.08 28.85
N ARG A 218 -5.03 -1.27 28.73
CA ARG A 218 -5.05 -2.21 29.87
C ARG A 218 -4.21 -1.71 31.03
N HIS A 219 -3.16 -0.94 30.76
CA HIS A 219 -2.27 -0.41 31.79
C HIS A 219 -2.55 1.08 31.95
N ALA A 220 -3.18 1.45 33.06
CA ALA A 220 -3.56 2.85 33.27
C ALA A 220 -2.37 3.73 33.61
N GLU A 221 -1.24 3.13 34.00
CA GLU A 221 -0.05 3.88 34.39
C GLU A 221 0.76 4.37 33.19
N LEU A 222 0.18 4.37 32.00
CA LEU A 222 0.89 4.77 30.77
C LEU A 222 0.11 5.90 30.10
N SER A 223 0.54 7.14 30.38
CA SER A 223 -0.01 8.31 29.71
C SER A 223 0.93 8.71 28.59
N PHE A 224 0.37 8.92 27.40
CA PHE A 224 1.17 9.15 26.20
C PHE A 224 0.57 10.31 25.41
N SER A 225 1.26 10.68 24.33
CA SER A 225 0.77 11.65 23.36
C SER A 225 1.13 11.15 21.98
N THR A 226 0.13 10.96 21.12
CA THR A 226 0.34 10.37 19.80
C THR A 226 1.19 11.31 18.96
N PHE A 227 2.49 11.00 18.88
CA PHE A 227 3.44 11.86 18.16
C PHE A 227 3.47 11.57 16.67
N PHE A 228 3.22 10.32 16.27
CA PHE A 228 3.39 9.91 14.89
C PHE A 228 2.58 8.64 14.65
N VAL A 229 1.88 8.60 13.52
CA VAL A 229 1.06 7.45 13.14
C VAL A 229 1.31 7.14 11.67
N SER A 230 1.67 5.90 11.38
CA SER A 230 1.90 5.45 10.01
C SER A 230 1.48 3.99 9.89
N SER A 231 0.83 3.65 8.78
CA SER A 231 0.42 2.28 8.52
C SER A 231 1.56 1.41 7.98
N MET A 232 2.73 2.00 7.74
CA MET A 232 3.89 1.27 7.25
C MET A 232 4.76 0.88 8.43
N SER A 233 4.99 -0.42 8.62
CA SER A 233 5.90 -0.88 9.65
C SER A 233 7.33 -0.42 9.38
N GLU A 234 7.68 -0.22 8.10
CA GLU A 234 9.01 0.26 7.76
C GLU A 234 9.22 1.70 8.23
N LEU A 235 8.22 2.56 8.03
CA LEU A 235 8.36 3.96 8.43
C LEU A 235 8.35 4.10 9.94
N LEU A 236 7.49 3.35 10.63
CA LEU A 236 7.48 3.38 12.08
C LEU A 236 8.80 2.90 12.65
N LYS A 237 9.37 1.85 12.08
CA LYS A 237 10.67 1.36 12.53
C LYS A 237 11.77 2.38 12.29
N GLN A 238 11.72 3.06 11.14
CA GLN A 238 12.72 4.09 10.84
C GLN A 238 12.59 5.27 11.79
N VAL A 239 11.36 5.73 12.02
CA VAL A 239 11.14 6.88 12.91
C VAL A 239 11.56 6.54 14.33
N ALA A 240 11.27 5.31 14.77
CA ALA A 240 11.57 4.93 16.15
C ALA A 240 13.08 4.87 16.39
N MET A 241 13.80 4.11 15.55
CA MET A 241 15.22 3.91 15.77
C MET A 241 16.06 5.14 15.50
N ASP A 242 15.48 6.21 14.96
CA ASP A 242 16.19 7.45 14.71
C ASP A 242 15.92 8.49 15.79
N GLY A 243 15.48 8.07 16.97
CA GLY A 243 15.29 8.96 18.10
C GLY A 243 14.14 9.93 17.98
N CYS A 244 12.92 9.41 17.89
CA CYS A 244 11.76 10.29 17.80
C CYS A 244 10.70 9.88 18.82
N GLY A 245 10.63 8.60 19.13
CA GLY A 245 9.65 8.13 20.07
C GLY A 245 9.76 6.64 20.33
N ILE A 246 8.66 6.07 20.83
CA ILE A 246 8.57 4.66 21.17
C ILE A 246 7.47 4.02 20.33
N ALA A 247 7.63 2.74 20.05
CA ALA A 247 6.67 2.05 19.20
C ALA A 247 6.70 0.56 19.49
N TRP A 248 5.56 -0.09 19.27
CA TRP A 248 5.44 -1.55 19.33
C TRP A 248 5.74 -2.09 17.94
N LEU A 249 6.84 -2.81 17.81
CA LEU A 249 7.28 -3.26 16.49
C LEU A 249 7.48 -4.77 16.49
N PRO A 250 7.16 -5.42 15.38
CA PRO A 250 7.35 -6.88 15.29
C PRO A 250 8.80 -7.29 15.46
N GLU A 251 8.99 -8.55 15.85
CA GLU A 251 10.33 -9.05 16.15
C GLU A 251 11.20 -9.08 14.90
N TYR A 252 10.67 -9.57 13.78
CA TYR A 252 11.49 -9.79 12.59
C TYR A 252 12.04 -8.48 12.05
N ALA A 253 11.27 -7.39 12.16
CA ALA A 253 11.74 -6.10 11.64
C ALA A 253 12.83 -5.50 12.51
N ILE A 254 12.82 -5.81 13.81
CA ILE A 254 13.76 -5.24 14.76
C ILE A 254 14.75 -6.27 15.27
N ARG A 255 14.70 -7.50 14.73
CA ARG A 255 15.59 -8.55 15.20
C ARG A 255 17.06 -8.18 14.98
N GLN A 256 17.37 -7.52 13.86
CA GLN A 256 18.74 -7.12 13.59
C GLN A 256 19.12 -5.85 14.35
N GLU A 257 18.19 -4.91 14.46
CA GLU A 257 18.49 -3.64 15.13
C GLU A 257 18.63 -3.78 16.64
N ILE A 258 18.31 -4.95 17.22
CA ILE A 258 18.47 -5.16 18.64
C ILE A 258 19.76 -5.95 18.89
N THR A 259 20.10 -6.82 17.95
CA THR A 259 21.31 -7.62 18.07
C THR A 259 22.56 -6.74 18.13
N ASP A 260 22.56 -5.63 17.38
CA ASP A 260 23.68 -4.71 17.38
C ASP A 260 23.48 -3.52 18.32
N GLY A 261 22.33 -3.41 18.96
CA GLY A 261 22.09 -2.38 19.95
C GLY A 261 21.47 -1.10 19.45
N ARG A 262 20.99 -1.07 18.20
CA ARG A 262 20.34 0.14 17.69
C ARG A 262 19.05 0.42 18.43
N LEU A 263 18.19 -0.59 18.58
CA LEU A 263 16.96 -0.48 19.34
C LEU A 263 17.09 -1.27 20.64
N ILE A 264 16.39 -0.82 21.67
CA ILE A 264 16.39 -1.47 22.97
C ILE A 264 14.96 -1.79 23.36
N VAL A 265 14.69 -3.04 23.71
CA VAL A 265 13.37 -3.44 24.16
C VAL A 265 13.11 -2.84 25.54
N LEU A 266 11.88 -2.37 25.74
CA LEU A 266 11.52 -1.70 26.99
C LEU A 266 10.73 -2.58 27.94
N ASP A 267 10.30 -3.76 27.51
CA ASP A 267 9.49 -4.61 28.38
C ASP A 267 9.65 -6.07 27.93
N ALA A 268 9.30 -6.98 28.85
CA ALA A 268 9.35 -8.40 28.56
C ALA A 268 8.23 -9.18 29.22
N ASP A 269 7.24 -8.53 29.83
CA ASP A 269 6.22 -9.25 30.57
C ASP A 269 4.81 -8.92 30.08
N GLU A 270 4.17 -7.92 30.68
CA GLU A 270 2.74 -7.68 30.50
C GLU A 270 2.42 -6.72 29.37
N LEU A 271 3.40 -6.03 28.79
CA LEU A 271 3.15 -5.11 27.69
C LEU A 271 3.55 -5.70 26.33
N VAL A 272 3.89 -6.98 26.28
CA VAL A 272 4.27 -7.64 25.03
C VAL A 272 3.02 -8.24 24.41
N ILE A 273 2.80 -7.94 23.14
CA ILE A 273 1.64 -8.41 22.39
C ILE A 273 2.12 -9.42 21.35
N PRO A 274 1.65 -10.67 21.39
CA PRO A 274 2.00 -11.63 20.34
C PRO A 274 1.06 -11.53 19.15
N ILE A 275 1.64 -11.64 17.95
CA ILE A 275 0.90 -11.62 16.71
C ILE A 275 0.96 -13.01 16.08
N GLN A 276 -0.13 -13.41 15.43
CA GLN A 276 -0.22 -14.72 14.78
C GLN A 276 -0.76 -14.50 13.38
N ALA A 277 0.08 -14.78 12.37
CA ALA A 277 -0.29 -14.59 10.98
C ALA A 277 -0.76 -15.90 10.38
N TYR A 278 -1.80 -15.83 9.54
CA TYR A 278 -2.40 -16.99 8.91
C TYR A 278 -2.60 -16.74 7.42
N ALA A 279 -2.43 -17.78 6.62
CA ALA A 279 -2.79 -17.76 5.21
C ALA A 279 -4.16 -18.40 5.07
N TYR A 280 -5.11 -17.65 4.52
CA TYR A 280 -6.50 -18.07 4.47
C TYR A 280 -6.92 -18.41 3.05
N ARG A 281 -7.94 -19.27 2.97
CA ARG A 281 -8.53 -19.69 1.70
C ARG A 281 -9.91 -20.25 1.99
N MET A 282 -10.74 -20.32 0.96
CA MET A 282 -12.08 -20.88 1.10
C MET A 282 -12.05 -22.38 0.84
N ASN A 283 -12.89 -23.11 1.58
CA ASN A 283 -12.95 -24.58 1.47
C ASN A 283 -13.31 -25.06 0.08
N THR A 284 -13.95 -24.23 -0.73
CA THR A 284 -14.24 -24.60 -2.11
C THR A 284 -12.93 -24.87 -2.86
N ARG A 285 -12.78 -26.10 -3.35
CA ARG A 285 -11.62 -26.44 -4.16
C ARG A 285 -11.53 -25.50 -5.36
N MET A 286 -10.38 -24.86 -5.51
CA MET A 286 -10.22 -23.81 -6.50
C MET A 286 -9.70 -24.38 -7.82
N SER A 287 -8.85 -23.62 -8.50
CA SER A 287 -8.24 -24.09 -9.73
C SER A 287 -7.19 -25.15 -9.43
N GLN A 288 -6.77 -25.85 -10.48
CA GLN A 288 -5.66 -26.78 -10.34
C GLN A 288 -4.38 -26.07 -9.95
N VAL A 289 -4.15 -24.89 -10.53
CA VAL A 289 -2.89 -24.18 -10.29
C VAL A 289 -2.84 -23.62 -8.87
N ALA A 290 -3.98 -23.17 -8.34
CA ALA A 290 -3.98 -22.61 -6.99
C ALA A 290 -3.97 -23.70 -5.92
N GLU A 291 -4.63 -24.83 -6.19
CA GLU A 291 -4.56 -25.96 -5.27
C GLU A 291 -3.14 -26.50 -5.16
N THR A 292 -2.38 -26.45 -6.26
CA THR A 292 -0.97 -26.79 -6.19
C THR A 292 -0.20 -25.79 -5.33
N PHE A 293 -0.51 -24.49 -5.48
CA PHE A 293 0.13 -23.47 -4.66
C PHE A 293 -0.21 -23.66 -3.19
N TRP A 294 -1.48 -23.96 -2.89
CA TRP A 294 -1.88 -24.17 -1.51
C TRP A 294 -1.18 -25.38 -0.91
N ARG A 295 -1.01 -26.44 -1.71
CA ARG A 295 -0.20 -27.57 -1.27
C ARG A 295 1.26 -27.16 -1.13
N ASP A 296 1.78 -26.38 -2.09
CA ASP A 296 3.14 -25.88 -1.99
C ASP A 296 3.32 -24.94 -0.82
N LEU A 297 2.24 -24.31 -0.34
CA LEU A 297 2.35 -23.38 0.79
C LEU A 297 2.54 -24.11 2.12
N ARG A 298 2.14 -25.38 2.20
CA ARG A 298 2.23 -26.11 3.46
C ARG A 298 3.68 -26.49 3.76
N GLY A 299 4.39 -27.05 2.77
CA GLY A 299 5.78 -27.37 2.95
C GLY A 299 6.67 -26.17 3.21
N LEU A 300 6.18 -24.97 2.89
CA LEU A 300 6.92 -23.75 3.17
C LEU A 300 6.72 -23.27 4.60
N GLN A 301 5.69 -23.76 5.28
CA GLN A 301 5.35 -23.24 6.61
C GLN A 301 6.46 -23.52 7.62
N ALA A 302 7.11 -24.68 7.53
CA ALA A 302 8.16 -25.02 8.48
C ALA A 302 9.35 -24.06 8.38
N ALA A 303 9.65 -23.58 7.16
CA ALA A 303 10.76 -22.65 6.99
C ALA A 303 10.46 -21.28 7.56
N LEU A 304 9.20 -20.96 7.82
CA LEU A 304 8.83 -19.65 8.35
C LEU A 304 8.58 -19.72 9.85
N ASN B 12 -31.62 2.67 25.79
CA ASN B 12 -30.55 2.71 24.80
C ASN B 12 -29.54 1.60 25.03
N ILE B 13 -28.33 1.80 24.51
CA ILE B 13 -27.23 0.85 24.67
C ILE B 13 -26.16 1.50 25.55
N GLU B 14 -25.35 0.65 26.17
CA GLU B 14 -24.18 1.11 26.92
C GLU B 14 -23.06 0.10 26.73
N THR B 15 -21.82 0.59 26.86
CA THR B 15 -20.66 -0.20 26.42
C THR B 15 -20.49 -1.48 27.22
N LYS B 16 -20.85 -1.48 28.51
CA LYS B 16 -20.66 -2.67 29.32
C LYS B 16 -21.64 -3.77 28.96
N TRP B 17 -22.80 -3.43 28.39
CA TRP B 17 -23.74 -4.45 27.92
C TRP B 17 -23.14 -5.22 26.74
N LEU B 18 -22.55 -4.50 25.79
CA LEU B 18 -21.89 -5.17 24.66
C LEU B 18 -20.72 -6.02 25.15
N TYR B 19 -19.92 -5.48 26.08
CA TYR B 19 -18.84 -6.26 26.66
C TYR B 19 -19.40 -7.43 27.48
N ASP B 20 -20.56 -7.25 28.10
CA ASP B 20 -21.24 -8.39 28.71
C ASP B 20 -21.68 -9.40 27.66
N PHE B 21 -22.04 -8.92 26.47
CA PHE B 21 -22.47 -9.82 25.38
C PHE B 21 -21.28 -10.35 24.59
N LEU B 22 -20.28 -9.51 24.34
CA LEU B 22 -19.11 -9.96 23.59
C LEU B 22 -18.34 -11.03 24.35
N THR B 23 -18.27 -10.89 25.68
CA THR B 23 -17.64 -11.90 26.51
C THR B 23 -18.50 -13.15 26.66
N LEU B 24 -19.76 -13.14 26.21
CA LEU B 24 -20.62 -14.29 26.43
C LEU B 24 -20.19 -15.48 25.57
N GLU B 25 -19.70 -15.23 24.37
CA GLU B 25 -19.10 -16.29 23.56
C GLU B 25 -17.58 -16.24 23.55
N LYS B 26 -16.98 -15.33 24.32
CA LYS B 26 -15.57 -15.47 24.66
C LYS B 26 -15.35 -16.71 25.53
N CYS B 27 -16.13 -16.83 26.60
CA CYS B 27 -16.32 -18.08 27.34
C CYS B 27 -17.82 -18.27 27.52
N ARG B 28 -18.30 -19.48 27.21
CA ARG B 28 -19.67 -19.70 26.74
C ARG B 28 -20.61 -20.09 27.87
N ASN B 29 -20.87 -19.13 28.76
CA ASN B 29 -21.80 -19.42 29.85
C ASN B 29 -22.20 -18.13 30.56
N PHE B 30 -23.46 -18.09 30.99
CA PHE B 30 -23.98 -16.96 31.76
C PHE B 30 -23.25 -16.82 33.09
N SER B 31 -23.37 -17.83 33.96
CA SER B 31 -22.77 -17.81 35.29
C SER B 31 -21.26 -18.00 35.28
N GLN B 32 -20.65 -18.10 34.10
CA GLN B 32 -19.20 -18.08 33.96
C GLN B 32 -18.68 -16.76 33.41
N ALA B 33 -19.36 -16.20 32.41
CA ALA B 33 -19.02 -14.85 31.97
C ALA B 33 -19.24 -13.85 33.11
N ALA B 34 -20.30 -14.05 33.89
CA ALA B 34 -20.50 -13.24 35.09
C ALA B 34 -19.34 -13.40 36.06
N ILE B 35 -18.83 -14.62 36.20
CA ILE B 35 -17.63 -14.83 37.02
C ILE B 35 -16.44 -14.11 36.39
N ILE B 36 -16.35 -14.12 35.06
CA ILE B 36 -15.24 -13.46 34.37
C ILE B 36 -15.52 -11.98 34.11
N ARG B 37 -16.71 -11.49 34.46
CA ARG B 37 -17.05 -10.08 34.32
C ARG B 37 -17.30 -9.41 35.67
N ASN B 38 -17.00 -10.08 36.78
CA ASN B 38 -17.02 -9.47 38.11
C ASN B 38 -18.42 -9.02 38.51
N VAL B 39 -19.43 -9.79 38.12
CA VAL B 39 -20.82 -9.50 38.48
C VAL B 39 -21.53 -10.81 38.81
N SER B 40 -22.59 -10.71 39.59
CA SER B 40 -23.36 -11.87 39.98
C SER B 40 -24.35 -12.24 38.87
N GLN B 41 -25.03 -13.38 39.07
CA GLN B 41 -26.00 -13.83 38.08
C GLN B 41 -27.18 -12.87 37.93
N PRO B 42 -27.81 -12.35 38.99
CA PRO B 42 -28.89 -11.37 38.77
C PRO B 42 -28.44 -10.13 38.04
N ALA B 43 -27.16 -9.75 38.16
CA ALA B 43 -26.66 -8.59 37.43
C ALA B 43 -26.44 -8.93 35.96
N PHE B 44 -25.81 -10.07 35.68
CA PHE B 44 -25.45 -10.40 34.30
C PHE B 44 -26.69 -10.61 33.43
N SER B 45 -27.72 -11.26 33.97
CA SER B 45 -28.93 -11.49 33.18
C SER B 45 -29.64 -10.18 32.87
N ARG B 46 -29.76 -9.29 33.85
CA ARG B 46 -30.44 -8.02 33.62
C ARG B 46 -29.62 -7.09 32.74
N ARG B 47 -28.29 -7.12 32.85
CA ARG B 47 -27.45 -6.35 31.95
C ARG B 47 -27.49 -6.91 30.53
N ILE B 48 -27.77 -8.20 30.38
CA ILE B 48 -27.92 -8.78 29.06
C ILE B 48 -29.31 -8.53 28.50
N ARG B 49 -30.33 -8.74 29.33
CA ARG B 49 -31.71 -8.57 28.85
C ARG B 49 -32.04 -7.11 28.60
N ALA B 50 -31.38 -6.18 29.29
CA ALA B 50 -31.53 -4.78 28.97
C ALA B 50 -30.93 -4.43 27.62
N LEU B 51 -29.97 -5.23 27.15
CA LEU B 51 -29.44 -5.05 25.80
C LEU B 51 -30.38 -5.64 24.75
N GLU B 52 -30.94 -6.82 25.03
CA GLU B 52 -31.90 -7.43 24.11
C GLU B 52 -33.13 -6.53 23.92
N HIS B 53 -33.61 -5.94 25.01
CA HIS B 53 -34.78 -5.06 24.93
C HIS B 53 -34.48 -3.84 24.08
N ALA B 54 -33.31 -3.23 24.29
CA ALA B 54 -32.99 -2.00 23.58
C ALA B 54 -32.78 -2.24 22.09
N VAL B 55 -32.06 -3.31 21.74
CA VAL B 55 -31.88 -3.64 20.34
C VAL B 55 -33.15 -4.24 19.75
N GLY B 56 -34.05 -4.75 20.59
CA GLY B 56 -35.27 -5.36 20.11
C GLY B 56 -35.05 -6.64 19.33
N VAL B 57 -33.94 -7.34 19.57
CA VAL B 57 -33.61 -8.57 18.87
C VAL B 57 -33.31 -9.66 19.89
N GLU B 58 -33.70 -10.89 19.56
CA GLU B 58 -33.39 -12.06 20.37
C GLU B 58 -32.24 -12.80 19.71
N LEU B 59 -31.05 -12.68 20.30
CA LEU B 59 -29.85 -13.29 19.71
C LEU B 59 -29.73 -14.76 20.08
N PHE B 60 -30.09 -15.12 21.30
CA PHE B 60 -29.91 -16.47 21.82
C PHE B 60 -31.26 -17.17 21.91
N ASN B 61 -31.26 -18.46 21.61
CA ASN B 61 -32.39 -19.32 21.95
C ASN B 61 -32.35 -19.58 23.45
N ARG B 62 -33.26 -18.97 24.19
CA ARG B 62 -33.13 -18.87 25.63
C ARG B 62 -33.28 -20.25 26.29
N GLN B 63 -32.20 -20.71 26.93
CA GLN B 63 -32.18 -21.97 27.69
C GLN B 63 -32.69 -23.14 26.84
N VAL B 64 -32.06 -23.30 25.68
CA VAL B 64 -32.49 -24.29 24.71
C VAL B 64 -31.46 -25.40 24.67
N SER B 65 -30.21 -25.06 24.85
CA SER B 65 -29.14 -26.03 24.74
C SER B 65 -27.87 -25.49 25.37
N PRO B 66 -26.73 -26.21 25.32
CA PRO B 66 -25.44 -25.52 25.47
C PRO B 66 -25.37 -24.38 24.47
N LEU B 67 -25.39 -23.16 24.99
CA LEU B 67 -25.87 -22.01 24.22
C LEU B 67 -25.11 -21.80 22.93
N GLN B 68 -25.87 -21.60 21.84
CA GLN B 68 -25.36 -21.03 20.60
C GLN B 68 -26.40 -20.02 20.12
N LEU B 69 -25.98 -18.77 19.94
CA LEU B 69 -26.90 -17.73 19.54
C LEU B 69 -27.52 -18.05 18.18
N SER B 70 -28.71 -17.50 17.96
CA SER B 70 -29.39 -17.68 16.69
C SER B 70 -28.66 -16.89 15.59
N GLU B 71 -29.22 -16.93 14.38
CA GLU B 71 -28.65 -16.17 13.28
C GLU B 71 -28.72 -14.67 13.53
N GLN B 72 -29.62 -14.23 14.42
CA GLN B 72 -29.66 -12.83 14.81
C GLN B 72 -28.47 -12.43 15.66
N GLY B 73 -27.78 -13.39 16.27
CA GLY B 73 -26.66 -13.10 17.14
C GLY B 73 -25.31 -13.11 16.44
N LYS B 74 -25.17 -13.95 15.42
CA LYS B 74 -23.91 -14.00 14.67
C LYS B 74 -23.61 -12.65 14.02
N ILE B 75 -24.64 -11.98 13.51
CA ILE B 75 -24.44 -10.68 12.86
C ILE B 75 -24.23 -9.57 13.88
N PHE B 76 -24.56 -9.78 15.14
CA PHE B 76 -24.20 -8.82 16.19
C PHE B 76 -22.82 -9.11 16.75
N HIS B 77 -22.54 -10.38 17.06
CA HIS B 77 -21.20 -10.77 17.51
C HIS B 77 -20.15 -10.34 16.50
N SER B 78 -20.40 -10.58 15.21
CA SER B 78 -19.44 -10.20 14.19
C SER B 78 -19.22 -8.69 14.11
N GLN B 79 -20.18 -7.89 14.59
CA GLN B 79 -20.00 -6.45 14.54
C GLN B 79 -19.83 -5.78 15.89
N VAL B 80 -20.37 -6.35 16.98
CA VAL B 80 -20.04 -5.81 18.30
C VAL B 80 -18.53 -5.66 18.44
N ARG B 81 -17.78 -6.56 17.83
CA ARG B 81 -16.34 -6.35 17.66
C ARG B 81 -16.06 -5.08 16.86
N HIS B 82 -16.67 -4.95 15.68
CA HIS B 82 -16.44 -3.77 14.84
C HIS B 82 -16.74 -2.47 15.59
N LEU B 83 -17.87 -2.43 16.29
CA LEU B 83 -18.25 -1.21 16.99
C LEU B 83 -17.32 -0.95 18.18
N LEU B 84 -16.99 -1.98 18.95
CA LEU B 84 -16.08 -1.80 20.07
C LEU B 84 -14.66 -1.49 19.61
N GLN B 85 -14.21 -2.09 18.50
CA GLN B 85 -12.87 -1.81 18.00
C GLN B 85 -12.71 -0.37 17.55
N GLN B 86 -13.80 0.34 17.25
CA GLN B 86 -13.70 1.73 16.88
C GLN B 86 -13.63 2.64 18.11
N LEU B 87 -14.40 2.33 19.15
CA LEU B 87 -14.35 3.12 20.36
C LEU B 87 -13.11 2.77 21.20
N GLU B 88 -12.75 1.49 21.25
CA GLU B 88 -11.56 1.09 21.99
C GLU B 88 -10.30 1.73 21.42
N SER B 89 -10.29 1.99 20.11
CA SER B 89 -9.13 2.59 19.45
C SER B 89 -9.13 4.11 19.53
N ASN B 90 -10.30 4.75 19.54
CA ASN B 90 -10.34 6.20 19.47
C ASN B 90 -10.13 6.86 20.83
N LEU B 91 -10.56 6.21 21.92
CA LEU B 91 -10.26 6.77 23.24
C LEU B 91 -8.76 6.86 23.48
N THR B 92 -7.97 5.96 22.88
CA THR B 92 -6.53 6.11 22.89
C THR B 92 -6.10 7.33 22.07
N GLU B 93 -6.77 7.56 20.94
CA GLU B 93 -6.53 8.78 20.18
C GLU B 93 -7.00 10.01 20.93
N LEU B 94 -8.07 9.89 21.71
CA LEU B 94 -8.56 11.01 22.51
C LEU B 94 -7.54 11.45 23.54
N ARG B 95 -6.77 10.51 24.09
CA ARG B 95 -5.77 10.81 25.10
C ARG B 95 -4.40 11.10 24.51
N GLY B 96 -4.25 11.00 23.19
CA GLY B 96 -2.99 11.29 22.56
C GLY B 96 -2.92 12.68 21.96
N GLY B 97 -2.49 13.66 22.75
CA GLY B 97 -2.40 15.02 22.29
C GLY B 97 -1.99 15.99 23.39
N LEU B 102 -0.94 18.03 19.74
CA LEU B 102 -1.69 19.08 19.07
C LEU B 102 -2.36 18.59 17.79
N ARG B 103 -2.33 19.43 16.75
CA ARG B 103 -3.12 19.19 15.54
C ARG B 103 -2.37 18.25 14.60
N LYS B 104 -3.01 17.14 14.24
CA LYS B 104 -2.42 16.19 13.31
C LYS B 104 -2.28 16.81 11.92
N ILE B 105 -1.44 16.18 11.10
CA ILE B 105 -1.22 16.59 9.73
C ILE B 105 -1.46 15.37 8.84
N LYS B 106 -2.50 15.44 8.01
CA LYS B 106 -2.95 14.29 7.23
C LYS B 106 -2.07 14.15 6.00
N ILE B 107 -1.12 13.23 6.06
CA ILE B 107 -0.16 12.99 4.97
C ILE B 107 -0.47 11.63 4.36
N ALA B 108 -0.67 11.61 3.05
CA ALA B 108 -0.88 10.39 2.30
C ALA B 108 0.09 10.39 1.12
N ALA B 109 1.07 9.50 1.14
CA ALA B 109 2.14 9.51 0.16
C ALA B 109 2.41 8.09 -0.33
N ALA B 110 3.21 7.99 -1.39
CA ALA B 110 3.62 6.71 -1.91
C ALA B 110 4.63 6.06 -0.95
N HIS B 111 4.91 4.78 -1.20
CA HIS B 111 5.82 4.05 -0.32
C HIS B 111 7.25 4.53 -0.46
N SER B 112 7.68 4.82 -1.69
CA SER B 112 9.05 5.31 -1.90
C SER B 112 9.20 6.74 -1.37
N LEU B 113 8.18 7.59 -1.60
CA LEU B 113 8.26 8.98 -1.18
C LEU B 113 8.07 9.16 0.32
N SER B 114 7.56 8.15 1.02
CA SER B 114 7.38 8.24 2.46
C SER B 114 8.63 7.78 3.22
N LEU B 115 9.44 6.90 2.63
CA LEU B 115 10.65 6.43 3.28
C LEU B 115 11.87 7.28 2.96
N GLY B 116 11.81 8.09 1.91
CA GLY B 116 12.96 8.91 1.54
C GLY B 116 12.78 10.37 1.87
N LEU B 117 11.63 10.94 1.47
CA LEU B 117 11.40 12.36 1.68
C LEU B 117 11.05 12.67 3.13
N LEU B 118 10.10 11.92 3.70
CA LEU B 118 9.59 12.26 5.03
C LEU B 118 10.64 12.17 6.12
N PRO B 119 11.45 11.11 6.24
CA PRO B 119 12.47 11.10 7.30
C PRO B 119 13.39 12.31 7.27
N THR B 120 13.83 12.74 6.09
CA THR B 120 14.57 13.99 5.97
C THR B 120 13.68 15.19 6.30
N ILE B 121 12.38 15.08 6.01
CA ILE B 121 11.46 16.18 6.23
C ILE B 121 11.11 16.33 7.71
N VAL B 122 10.93 15.21 8.43
CA VAL B 122 10.58 15.27 9.85
C VAL B 122 11.62 16.04 10.66
N LYS B 123 12.89 15.89 10.32
CA LYS B 123 13.98 16.49 11.08
C LYS B 123 14.25 17.94 10.70
N GLN B 124 13.79 18.39 9.54
CA GLN B 124 14.00 19.78 9.12
C GLN B 124 12.78 20.67 9.33
N MET B 125 11.59 20.10 9.34
CA MET B 125 10.37 20.84 9.63
C MET B 125 10.36 21.26 11.10
N PRO B 126 9.60 22.33 11.45
CA PRO B 126 9.57 22.80 12.84
C PRO B 126 9.32 21.72 13.88
N THR B 127 9.51 22.12 15.14
CA THR B 127 9.67 21.15 16.22
C THR B 127 8.43 20.28 16.42
N GLN B 128 7.24 20.88 16.42
CA GLN B 128 6.02 20.15 16.80
C GLN B 128 4.95 20.27 15.71
N PHE B 129 5.04 19.37 14.73
CA PHE B 129 3.89 18.91 13.96
C PHE B 129 3.77 17.41 14.17
N THR B 130 2.58 16.94 14.53
CA THR B 130 2.33 15.51 14.63
C THR B 130 1.83 15.01 13.28
N TYR B 131 2.59 14.12 12.66
CA TYR B 131 2.31 13.65 11.30
C TYR B 131 1.38 12.44 11.33
N ALA B 132 0.37 12.48 10.47
CA ALA B 132 -0.52 11.33 10.27
C ALA B 132 -0.24 10.70 8.91
N VAL B 133 1.00 10.24 8.77
CA VAL B 133 1.43 9.61 7.53
C VAL B 133 0.59 8.37 7.27
N GLU B 134 0.07 8.26 6.05
CA GLU B 134 -0.80 7.15 5.67
C GLU B 134 -0.13 6.13 4.77
N ALA B 135 0.77 6.58 3.89
CA ALA B 135 1.56 5.70 3.02
C ALA B 135 0.64 4.79 2.20
N ILE B 136 -0.06 5.42 1.27
CA ILE B 136 -1.00 4.74 0.38
C ILE B 136 -0.51 4.88 -1.05
N ASP B 137 -0.68 3.82 -1.85
CA ASP B 137 -0.20 3.82 -3.22
C ASP B 137 -0.78 4.98 -4.02
N VAL B 138 -0.05 5.40 -5.05
CA VAL B 138 -0.34 6.64 -5.75
C VAL B 138 -1.73 6.62 -6.36
N ASP B 139 -2.14 5.47 -6.93
CA ASP B 139 -3.44 5.39 -7.59
C ASP B 139 -4.58 5.72 -6.64
N GLN B 140 -4.45 5.37 -5.36
CA GLN B 140 -5.43 5.76 -4.36
C GLN B 140 -5.00 6.97 -3.55
N ALA B 141 -3.69 7.21 -3.43
CA ALA B 141 -3.22 8.42 -2.76
C ALA B 141 -3.70 9.67 -3.50
N VAL B 142 -3.66 9.65 -4.83
CA VAL B 142 -4.18 10.76 -5.61
C VAL B 142 -5.70 10.81 -5.55
N ASP B 143 -6.34 9.67 -5.24
CA ASP B 143 -7.80 9.67 -5.11
C ASP B 143 -8.24 10.48 -3.90
N MET B 144 -7.54 10.35 -2.78
CA MET B 144 -7.93 11.07 -1.56
C MET B 144 -7.83 12.57 -1.75
N LEU B 145 -6.63 13.07 -2.09
CA LEU B 145 -6.41 14.51 -2.14
C LEU B 145 -7.38 15.20 -3.09
N ARG B 146 -7.82 14.51 -4.14
CA ARG B 146 -8.84 15.09 -5.02
C ARG B 146 -10.18 15.19 -4.31
N GLU B 147 -10.52 14.20 -3.48
CA GLU B 147 -11.80 14.16 -2.79
C GLU B 147 -11.68 14.43 -1.29
N GLY B 148 -10.49 14.79 -0.81
CA GLY B 148 -10.35 15.22 0.57
C GLY B 148 -9.67 14.23 1.49
N GLN B 149 -10.04 14.26 2.78
CA GLN B 149 -9.51 13.39 3.83
C GLN B 149 -7.98 13.31 3.83
N SER B 150 -7.31 14.32 3.25
CA SER B 150 -5.86 14.36 3.21
C SER B 150 -5.42 15.82 3.08
N ASP B 151 -4.50 16.24 3.94
CA ASP B 151 -3.98 17.61 3.89
C ASP B 151 -3.03 17.78 2.71
N PHE B 152 -1.82 17.26 2.84
CA PHE B 152 -0.83 17.27 1.77
C PHE B 152 -0.54 15.83 1.34
N ILE B 153 -0.13 15.68 0.09
CA ILE B 153 0.24 14.38 -0.46
C ILE B 153 1.59 14.49 -1.14
N PHE B 154 2.44 13.48 -0.94
CA PHE B 154 3.71 13.36 -1.65
C PHE B 154 3.51 12.28 -2.72
N SER B 155 3.14 12.72 -3.92
CA SER B 155 2.94 11.83 -5.04
C SER B 155 3.70 12.38 -6.24
N TYR B 156 3.81 11.55 -7.28
CA TYR B 156 4.54 11.95 -8.48
C TYR B 156 3.71 12.88 -9.35
N HIS B 157 4.08 13.02 -10.61
CA HIS B 157 3.49 14.04 -11.47
C HIS B 157 2.04 13.71 -11.82
N ASP B 158 1.18 14.72 -11.73
CA ASP B 158 -0.19 14.64 -12.22
C ASP B 158 -0.55 15.99 -12.80
N GLU B 159 -0.83 16.03 -14.11
CA GLU B 159 -1.06 17.31 -14.78
C GLU B 159 -2.34 17.98 -14.30
N ASN B 160 -3.36 17.21 -13.94
CA ASN B 160 -4.58 17.80 -13.40
C ASN B 160 -4.32 18.49 -12.06
N LEU B 161 -3.30 18.05 -11.33
CA LEU B 161 -2.97 18.62 -10.03
C LEU B 161 -1.89 19.68 -10.12
N GLN B 162 -1.40 19.97 -11.32
CA GLN B 162 -0.50 21.09 -11.56
C GLN B 162 -1.25 22.38 -11.84
N GLN B 163 -2.58 22.36 -11.73
CA GLN B 163 -3.38 23.32 -12.47
C GLN B 163 -4.20 24.22 -11.54
N ALA B 164 -5.52 24.28 -11.73
CA ALA B 164 -6.28 25.38 -11.15
C ALA B 164 -6.46 25.22 -9.64
N PRO B 165 -7.15 24.20 -9.12
CA PRO B 165 -7.39 24.18 -7.67
C PRO B 165 -6.30 23.47 -6.88
N PHE B 166 -5.11 23.32 -7.46
CA PHE B 166 -4.08 22.47 -6.86
C PHE B 166 -2.73 23.17 -6.95
N ASP B 167 -2.07 23.32 -5.80
CA ASP B 167 -0.71 23.83 -5.77
C ASP B 167 0.28 22.69 -5.91
N ASN B 168 1.47 23.02 -6.41
CA ASN B 168 2.51 22.02 -6.62
C ASN B 168 3.85 22.56 -6.13
N ILE B 169 4.71 21.66 -5.69
CA ILE B 169 6.08 21.98 -5.31
C ILE B 169 7.02 21.09 -6.11
N ARG B 170 7.93 21.70 -6.85
CA ARG B 170 8.91 20.97 -7.65
C ARG B 170 9.99 20.42 -6.72
N LEU B 171 9.64 19.32 -6.04
CA LEU B 171 10.51 18.77 -5.01
C LEU B 171 11.84 18.31 -5.59
N PHE B 172 11.79 17.34 -6.51
CA PHE B 172 13.01 16.77 -7.08
C PHE B 172 12.63 15.97 -8.32
N GLU B 173 13.65 15.51 -9.02
CA GLU B 173 13.50 14.66 -10.21
C GLU B 173 14.42 13.46 -10.09
N SER B 174 13.98 12.33 -10.64
CA SER B 174 14.75 11.10 -10.57
C SER B 174 14.58 10.35 -11.90
N ARG B 175 15.07 9.11 -11.93
CA ARG B 175 15.04 8.30 -13.14
C ARG B 175 14.71 6.85 -12.77
N LEU B 176 14.10 6.14 -13.71
CA LEU B 176 13.77 4.73 -13.54
C LEU B 176 14.87 3.87 -14.16
N PHE B 177 15.13 2.71 -13.55
CA PHE B 177 16.26 1.87 -13.94
C PHE B 177 15.91 0.40 -13.96
N PRO B 178 16.19 -0.31 -15.06
CA PRO B 178 16.05 -1.77 -15.05
C PRO B 178 17.16 -2.42 -14.25
N VAL B 179 16.84 -2.93 -13.06
CA VAL B 179 17.83 -3.46 -12.14
C VAL B 179 17.46 -4.88 -11.73
N CYS B 180 18.48 -5.63 -11.32
CA CYS B 180 18.28 -6.97 -10.78
C CYS B 180 19.54 -7.36 -10.01
N ALA B 181 19.34 -8.08 -8.90
CA ALA B 181 20.41 -8.39 -7.97
C ALA B 181 21.30 -9.50 -8.52
N ASN B 182 22.61 -9.30 -8.44
CA ASN B 182 23.56 -10.29 -8.94
C ASN B 182 23.65 -11.46 -7.97
N ASN B 183 24.45 -12.46 -8.37
CA ASN B 183 24.60 -13.70 -7.62
C ASN B 183 26.06 -13.87 -7.23
N GLY B 184 26.37 -13.64 -5.96
CA GLY B 184 27.72 -13.78 -5.45
C GLY B 184 28.66 -12.76 -6.09
N ARG B 185 29.94 -13.10 -6.05
CA ARG B 185 30.96 -12.27 -6.69
C ARG B 185 30.78 -12.28 -8.20
N GLY B 186 30.04 -11.31 -8.72
CA GLY B 186 29.84 -11.24 -10.17
C GLY B 186 28.76 -10.24 -10.55
N GLU B 187 28.31 -10.36 -11.79
CA GLU B 187 27.35 -9.48 -12.43
C GLU B 187 25.95 -10.06 -12.37
N PRO B 188 24.91 -9.27 -12.70
CA PRO B 188 23.52 -9.73 -12.49
C PRO B 188 23.17 -11.07 -13.10
N ARG B 189 22.14 -11.71 -12.55
CA ARG B 189 21.69 -13.01 -13.01
C ARG B 189 20.93 -12.91 -14.34
N TYR B 190 20.09 -11.89 -14.50
CA TYR B 190 19.35 -11.67 -15.72
C TYR B 190 19.85 -10.41 -16.41
N THR B 191 19.59 -10.34 -17.72
CA THR B 191 19.93 -9.18 -18.53
C THR B 191 18.80 -8.89 -19.49
N LEU B 192 18.86 -7.72 -20.13
CA LEU B 192 17.82 -7.33 -21.08
C LEU B 192 17.94 -8.11 -22.38
N GLU B 193 19.16 -8.51 -22.76
CA GLU B 193 19.36 -9.31 -23.96
C GLU B 193 18.99 -10.78 -23.77
N GLN B 194 18.69 -11.19 -22.54
CA GLN B 194 18.33 -12.57 -22.26
C GLN B 194 16.90 -12.84 -22.72
N PRO B 195 16.64 -13.99 -23.35
CA PRO B 195 15.29 -14.27 -23.86
C PRO B 195 14.32 -14.59 -22.73
N HIS B 196 13.20 -13.86 -22.70
CA HIS B 196 12.09 -14.12 -21.80
C HIS B 196 12.53 -14.14 -20.34
N PHE B 197 13.17 -13.05 -19.92
CA PHE B 197 13.55 -12.91 -18.52
C PHE B 197 12.32 -12.65 -17.66
N PRO B 198 12.36 -13.04 -16.38
CA PRO B 198 11.24 -12.73 -15.48
C PRO B 198 11.08 -11.23 -15.31
N LEU B 199 9.87 -10.74 -15.52
CA LEU B 199 9.58 -9.31 -15.45
C LEU B 199 8.83 -8.99 -14.17
N LEU B 200 9.29 -7.96 -13.47
CA LEU B 200 8.61 -7.41 -12.30
C LEU B 200 8.11 -6.02 -12.67
N ASN B 201 6.80 -5.91 -12.91
CA ASN B 201 6.21 -4.69 -13.45
C ASN B 201 5.07 -4.22 -12.56
N TYR B 202 4.83 -2.92 -12.59
CA TYR B 202 3.67 -2.35 -11.92
C TYR B 202 2.40 -2.69 -12.70
N SER B 203 1.26 -2.34 -12.12
CA SER B 203 -0.01 -2.55 -12.78
C SER B 203 -0.28 -1.41 -13.76
N GLN B 204 -1.23 -1.67 -14.68
CA GLN B 204 -1.64 -0.63 -15.62
C GLN B 204 -2.26 0.57 -14.90
N ASN B 205 -2.88 0.33 -13.74
CA ASN B 205 -3.65 1.38 -13.08
C ASN B 205 -2.75 2.49 -12.56
N SER B 206 -1.59 2.14 -12.02
CA SER B 206 -0.75 3.11 -11.33
C SER B 206 0.01 3.98 -12.34
N TYR B 207 0.64 5.03 -11.79
CA TYR B 207 1.41 5.96 -12.62
C TYR B 207 2.70 5.30 -13.12
N MET B 208 3.41 4.60 -12.23
CA MET B 208 4.66 3.95 -12.63
C MET B 208 4.42 2.89 -13.69
N GLY B 209 3.28 2.19 -13.62
CA GLY B 209 3.01 1.14 -14.58
C GLY B 209 2.79 1.66 -15.99
N ARG B 210 2.08 2.78 -16.11
CA ARG B 210 1.84 3.36 -17.43
C ARG B 210 3.15 3.80 -18.09
N LEU B 211 4.08 4.34 -17.30
CA LEU B 211 5.36 4.77 -17.86
C LEU B 211 6.13 3.59 -18.43
N ILE B 212 6.14 2.46 -17.71
CA ILE B 212 6.91 1.31 -18.16
C ILE B 212 6.17 0.54 -19.26
N ASN B 213 4.85 0.40 -19.12
CA ASN B 213 4.07 -0.25 -20.17
C ASN B 213 4.22 0.48 -21.50
N ARG B 214 4.24 1.81 -21.47
CA ARG B 214 4.49 2.57 -22.68
C ARG B 214 5.92 2.40 -23.16
N THR B 215 6.87 2.37 -22.23
CA THR B 215 8.28 2.23 -22.60
C THR B 215 8.58 0.82 -23.11
N LEU B 216 8.05 -0.20 -22.44
CA LEU B 216 8.28 -1.58 -22.86
C LEU B 216 7.74 -1.85 -24.26
N THR B 217 6.80 -1.04 -24.74
CA THR B 217 6.21 -1.27 -26.06
C THR B 217 7.13 -0.81 -27.18
N ARG B 218 7.70 0.40 -27.05
CA ARG B 218 8.49 0.99 -28.12
C ARG B 218 9.80 0.25 -28.38
N HIS B 219 10.19 -0.68 -27.51
CA HIS B 219 11.40 -1.47 -27.68
C HIS B 219 10.99 -2.93 -27.94
N ALA B 220 11.26 -3.42 -29.14
CA ALA B 220 10.86 -4.76 -29.54
C ALA B 220 11.85 -5.84 -29.10
N GLU B 221 13.12 -5.49 -28.91
CA GLU B 221 14.11 -6.50 -28.54
C GLU B 221 13.84 -7.10 -27.17
N LEU B 222 13.09 -6.40 -26.32
CA LEU B 222 12.80 -6.88 -24.97
C LEU B 222 11.80 -8.02 -25.04
N SER B 223 12.29 -9.26 -24.95
CA SER B 223 11.44 -10.43 -24.82
C SER B 223 11.39 -10.81 -23.35
N PHE B 224 10.19 -10.85 -22.77
CA PHE B 224 10.05 -11.07 -21.34
C PHE B 224 8.74 -11.78 -21.05
N SER B 225 8.68 -12.40 -19.88
CA SER B 225 7.49 -13.06 -19.37
C SER B 225 7.14 -12.46 -18.02
N THR B 226 5.93 -11.95 -17.89
CA THR B 226 5.51 -11.32 -16.64
C THR B 226 5.48 -12.33 -15.50
N PHE B 227 6.17 -12.00 -14.41
CA PHE B 227 6.29 -12.91 -13.27
C PHE B 227 5.61 -12.34 -12.02
N PHE B 228 5.99 -11.16 -11.57
CA PHE B 228 5.47 -10.58 -10.34
C PHE B 228 4.87 -9.22 -10.65
N VAL B 229 3.55 -9.13 -10.66
CA VAL B 229 2.84 -7.87 -10.86
C VAL B 229 2.35 -7.37 -9.52
N SER B 230 2.58 -6.08 -9.26
CA SER B 230 2.09 -5.43 -8.06
C SER B 230 1.95 -3.94 -8.35
N SER B 231 1.50 -3.19 -7.35
CA SER B 231 1.48 -1.73 -7.44
C SER B 231 2.24 -1.04 -6.33
N MET B 232 2.58 -1.73 -5.25
CA MET B 232 3.40 -1.15 -4.20
C MET B 232 4.81 -0.91 -4.73
N SER B 233 5.33 0.30 -4.49
CA SER B 233 6.65 0.64 -5.01
C SER B 233 7.76 -0.09 -4.26
N GLU B 234 7.66 -0.17 -2.94
CA GLU B 234 8.68 -0.84 -2.15
C GLU B 234 8.61 -2.35 -2.27
N LEU B 235 7.47 -2.90 -2.68
CA LEU B 235 7.35 -4.35 -2.82
C LEU B 235 8.23 -4.85 -3.97
N LEU B 236 8.14 -4.22 -5.13
CA LEU B 236 8.94 -4.63 -6.27
C LEU B 236 10.43 -4.43 -6.02
N LYS B 237 10.79 -3.47 -5.16
CA LYS B 237 12.19 -3.28 -4.81
C LYS B 237 12.73 -4.49 -4.07
N GLN B 238 12.04 -4.94 -3.03
CA GLN B 238 12.53 -6.03 -2.21
C GLN B 238 12.49 -7.35 -2.97
N VAL B 239 11.45 -7.56 -3.79
CA VAL B 239 11.35 -8.80 -4.55
C VAL B 239 12.46 -8.87 -5.60
N ALA B 240 12.72 -7.75 -6.28
CA ALA B 240 13.84 -7.69 -7.23
C ALA B 240 15.19 -7.59 -6.55
N MET B 241 15.22 -7.24 -5.25
CA MET B 241 16.48 -7.15 -4.53
C MET B 241 17.10 -8.51 -4.25
N ASP B 242 16.35 -9.59 -4.44
CA ASP B 242 16.85 -10.95 -4.22
C ASP B 242 16.88 -11.76 -5.52
N GLY B 243 16.84 -11.09 -6.67
CA GLY B 243 17.00 -11.78 -7.94
C GLY B 243 15.79 -12.54 -8.42
N CYS B 244 14.58 -12.07 -8.11
CA CYS B 244 13.37 -12.72 -8.60
C CYS B 244 12.99 -12.26 -10.00
N GLY B 245 13.48 -11.12 -10.45
CA GLY B 245 13.17 -10.65 -11.79
C GLY B 245 13.72 -9.26 -12.01
N ILE B 246 13.49 -8.76 -13.23
CA ILE B 246 13.95 -7.45 -13.65
C ILE B 246 12.82 -6.45 -13.45
N ALA B 247 13.16 -5.27 -12.95
CA ALA B 247 12.15 -4.27 -12.65
C ALA B 247 12.72 -2.87 -12.83
N TRP B 248 11.84 -1.93 -13.14
CA TRP B 248 12.19 -0.51 -13.19
C TRP B 248 11.91 0.11 -11.83
N LEU B 249 12.93 0.66 -11.20
CA LEU B 249 12.81 1.21 -9.87
C LEU B 249 13.39 2.61 -9.81
N PRO B 250 12.82 3.48 -8.99
CA PRO B 250 13.37 4.84 -8.86
C PRO B 250 14.76 4.82 -8.24
N GLU B 251 15.59 5.77 -8.66
CA GLU B 251 16.99 5.76 -8.27
C GLU B 251 17.19 6.13 -6.81
N TYR B 252 16.36 7.04 -6.28
CA TYR B 252 16.59 7.53 -4.91
C TYR B 252 16.37 6.44 -3.87
N ALA B 253 15.51 5.48 -4.15
CA ALA B 253 15.16 4.44 -3.20
C ALA B 253 16.09 3.23 -3.26
N ILE B 254 16.93 3.12 -4.28
CA ILE B 254 17.75 1.92 -4.46
C ILE B 254 19.22 2.29 -4.64
N ARG B 255 19.54 3.58 -4.49
CA ARG B 255 20.91 4.03 -4.74
C ARG B 255 21.92 3.30 -3.86
N GLN B 256 21.54 2.96 -2.64
CA GLN B 256 22.44 2.19 -1.77
C GLN B 256 22.81 0.87 -2.41
N GLU B 257 21.83 0.15 -2.95
CA GLU B 257 22.09 -1.15 -3.54
C GLU B 257 22.89 -1.06 -4.83
N ILE B 258 22.85 0.07 -5.53
CA ILE B 258 23.71 0.26 -6.68
C ILE B 258 25.16 0.42 -6.25
N THR B 259 25.37 1.05 -5.09
CA THR B 259 26.73 1.36 -4.66
C THR B 259 27.48 0.11 -4.25
N ASP B 260 26.92 -0.68 -3.33
CA ASP B 260 27.56 -1.92 -2.92
C ASP B 260 27.36 -3.06 -3.92
N GLY B 261 26.60 -2.82 -5.00
CA GLY B 261 26.42 -3.80 -6.04
C GLY B 261 25.19 -4.67 -5.91
N ARG B 262 24.48 -4.62 -4.78
CA ARG B 262 23.33 -5.48 -4.57
C ARG B 262 22.27 -5.33 -5.66
N LEU B 263 22.29 -4.25 -6.41
CA LEU B 263 21.47 -4.09 -7.60
C LEU B 263 22.31 -3.45 -8.69
N ILE B 264 22.39 -4.11 -9.84
CA ILE B 264 23.21 -3.65 -10.97
C ILE B 264 22.28 -3.09 -12.03
N VAL B 265 22.52 -1.83 -12.41
CA VAL B 265 21.73 -1.20 -13.47
C VAL B 265 22.03 -1.89 -14.79
N LEU B 266 21.01 -2.53 -15.38
CA LEU B 266 21.20 -3.24 -16.63
C LEU B 266 21.45 -2.26 -17.78
N ASP B 267 20.53 -1.30 -17.97
CA ASP B 267 20.64 -0.33 -19.03
C ASP B 267 20.47 1.06 -18.45
N ALA B 268 21.34 1.99 -18.86
CA ALA B 268 21.30 3.38 -18.45
C ALA B 268 21.29 4.28 -19.66
N ASP B 269 20.55 3.90 -20.70
CA ASP B 269 20.52 4.66 -21.95
C ASP B 269 19.10 5.03 -22.34
N GLU B 270 18.45 4.17 -23.12
CA GLU B 270 17.14 4.47 -23.68
C GLU B 270 16.00 4.14 -22.72
N LEU B 271 16.10 3.03 -22.00
CA LEU B 271 15.03 2.56 -21.12
C LEU B 271 14.92 3.35 -19.83
N VAL B 272 15.71 4.40 -19.66
CA VAL B 272 15.64 5.24 -18.47
C VAL B 272 14.47 6.21 -18.62
N ILE B 273 13.58 6.19 -17.64
CA ILE B 273 12.33 6.94 -17.70
C ILE B 273 12.42 8.12 -16.75
N PRO B 274 12.13 9.35 -17.20
CA PRO B 274 12.13 10.49 -16.28
C PRO B 274 10.93 10.47 -15.36
N ILE B 275 11.15 10.86 -14.11
CA ILE B 275 10.08 11.02 -13.13
C ILE B 275 10.35 12.27 -12.31
N GLN B 276 9.30 13.07 -12.09
CA GLN B 276 9.39 14.27 -11.29
C GLN B 276 8.30 14.20 -10.22
N ALA B 277 8.73 14.02 -8.96
CA ALA B 277 7.80 13.89 -7.85
C ALA B 277 7.51 15.26 -7.25
N TYR B 278 6.23 15.59 -7.11
CA TYR B 278 5.78 16.88 -6.61
C TYR B 278 5.09 16.71 -5.25
N ALA B 279 4.48 17.79 -4.79
CA ALA B 279 3.70 17.79 -3.55
C ALA B 279 2.49 18.70 -3.76
N TYR B 280 1.31 18.21 -3.38
CA TYR B 280 0.06 18.87 -3.73
C TYR B 280 -0.74 19.24 -2.48
N ARG B 281 -1.55 20.29 -2.63
CA ARG B 281 -2.58 20.67 -1.67
C ARG B 281 -3.83 21.03 -2.44
N MET B 282 -4.88 21.42 -1.72
CA MET B 282 -6.18 21.69 -2.32
C MET B 282 -6.41 23.16 -2.65
N ASN B 283 -5.40 24.01 -2.47
CA ASN B 283 -5.49 25.45 -2.68
C ASN B 283 -6.50 26.12 -1.78
N THR B 284 -7.08 25.38 -0.84
CA THR B 284 -8.07 25.90 0.10
C THR B 284 -7.43 26.02 1.46
N ARG B 285 -7.29 27.24 1.95
CA ARG B 285 -6.59 27.53 3.20
C ARG B 285 -7.61 27.60 4.32
N MET B 286 -7.74 26.50 5.07
CA MET B 286 -8.65 26.44 6.20
C MET B 286 -7.97 26.10 7.51
N SER B 287 -6.69 25.77 7.51
CA SER B 287 -5.94 25.47 8.72
C SER B 287 -4.69 26.33 8.75
N GLN B 288 -4.35 26.84 9.94
CA GLN B 288 -3.16 27.66 10.10
C GLN B 288 -1.90 26.82 10.31
N VAL B 289 -2.03 25.68 10.97
CA VAL B 289 -0.88 24.79 11.14
C VAL B 289 -0.45 24.20 9.80
N ALA B 290 -1.43 23.86 8.95
CA ALA B 290 -1.11 23.31 7.64
C ALA B 290 -0.46 24.35 6.75
N GLU B 291 -0.97 25.59 6.75
CA GLU B 291 -0.37 26.65 5.98
C GLU B 291 1.08 26.89 6.40
N THR B 292 1.36 26.79 7.70
CA THR B 292 2.74 26.87 8.16
C THR B 292 3.57 25.72 7.63
N PHE B 293 3.01 24.50 7.64
CA PHE B 293 3.71 23.35 7.06
C PHE B 293 3.90 23.52 5.56
N TRP B 294 2.88 24.05 4.87
CA TRP B 294 2.99 24.21 3.43
C TRP B 294 4.08 25.20 3.06
N ARG B 295 4.10 26.36 3.73
CA ARG B 295 5.14 27.34 3.47
C ARG B 295 6.51 26.83 3.92
N ASP B 296 6.56 26.06 4.99
CA ASP B 296 7.83 25.47 5.43
C ASP B 296 8.29 24.35 4.50
N LEU B 297 7.36 23.72 3.76
CA LEU B 297 7.76 22.69 2.81
C LEU B 297 8.54 23.30 1.64
N ARG B 298 8.23 24.55 1.28
CA ARG B 298 8.98 25.21 0.22
C ARG B 298 10.44 25.41 0.59
N GLY B 299 10.73 25.65 1.87
CA GLY B 299 12.10 25.83 2.30
C GLY B 299 12.96 24.61 2.11
N LEU B 300 12.35 23.41 2.19
CA LEU B 300 13.10 22.19 1.93
C LEU B 300 13.45 22.04 0.46
N GLN B 301 12.60 22.57 -0.43
CA GLN B 301 12.80 22.37 -1.87
C GLN B 301 14.13 22.92 -2.35
N ALA B 302 14.61 24.02 -1.75
CA ALA B 302 15.88 24.59 -2.17
C ALA B 302 17.06 23.69 -1.83
N ALA B 303 16.96 22.95 -0.73
CA ALA B 303 18.08 22.12 -0.28
C ALA B 303 17.56 20.85 0.37
N LEU B 304 16.76 20.07 -0.37
CA LEU B 304 16.19 18.84 0.16
C LEU B 304 17.27 17.77 0.28
#